data_6U16
#
_entry.id   6U16
#
_cell.length_a   94.570
_cell.length_b   53.230
_cell.length_c   81.320
_cell.angle_alpha   90.000
_cell.angle_beta   94.840
_cell.angle_gamma   90.000
#
_symmetry.space_group_name_H-M   'C 1 2 1'
#
loop_
_entity.id
_entity.type
_entity.pdbx_description
1 polymer 'G/T mismatch-specific thymine DNA glycosylase'
2 polymer 'DNA (28-MER)'
3 polymer 'DNA (28-MER)'
4 non-polymer 1,2-ETHANEDIOL
5 water water
#
loop_
_entity_poly.entity_id
_entity_poly.type
_entity_poly.pdbx_seq_one_letter_code
_entity_poly.pdbx_strand_id
1 'polypeptide(L)'
;SKKSGKSAKSKEKQEKITDTFKVKRKVDRFNGVSEAELLTKTLPDILTFNLDIVIIGIAPGLMAAYKGHHYPGPGNHFWK
CLFMSGLSEVQLNHMDDHTLPGKYGIGFTNMVERTTPGSKDLSSKEFREGGRILVQKLQKYQPRIAVFNGKCIYEIFSKE
VFGVKVKNLEFGLQPHKIPDTETLCYVMPSSSAR(CSO)AQFPRAQDKVHYYIKLKDLRDQLKGIERNMDV
;
A
2 'polydeoxyribonucleotide'
;(DC)(DA)(DG)(DC)(DT)(DC)(DT)(DG)(DT)(DA)(DC)(DG)(DT)(DG)(DA)(DG)(DC)(DG)(DA)(DT)
(DG)(DG)(DA)(DC)(DA)(DG)(DC)(DT)
;
C
3 'polydeoxyribonucleotide'
;(DA)(DG)(DC)(DT)(DG)(DT)(DC)(DC)(DA)(DT)(DC)(DG)(DC)(DT)(DC)(DA)(1CC)(DG)(DT)
(DA)(DC)(DA)(DG)(DA)(DG)(DC)(DT)(DG)
;
D
#
# COMPACT_ATOMS: atom_id res chain seq x y z
N VAL A 27 -18.15 -20.54 -5.73
CA VAL A 27 -19.40 -20.25 -5.03
C VAL A 27 -19.13 -19.62 -3.66
N ASP A 28 -18.98 -20.43 -2.58
CA ASP A 28 -18.67 -19.94 -1.22
C ASP A 28 -17.17 -19.77 -1.06
N ARG A 29 -16.73 -18.50 -1.04
CA ARG A 29 -15.33 -18.14 -0.90
C ARG A 29 -14.98 -17.71 0.52
N PHE A 30 -16.00 -17.50 1.40
CA PHE A 30 -15.80 -16.97 2.75
C PHE A 30 -16.27 -17.85 3.89
N ASN A 31 -16.17 -19.19 3.72
CA ASN A 31 -16.49 -20.12 4.78
C ASN A 31 -17.86 -19.82 5.45
N GLY A 32 -18.88 -19.62 4.63
CA GLY A 32 -20.24 -19.35 5.10
C GLY A 32 -20.52 -17.96 5.64
N VAL A 33 -19.59 -17.01 5.50
CA VAL A 33 -19.79 -15.61 5.92
C VAL A 33 -20.28 -14.85 4.68
N SER A 34 -21.33 -14.02 4.82
CA SER A 34 -21.85 -13.24 3.69
C SER A 34 -20.96 -12.06 3.33
N GLU A 35 -20.99 -11.67 2.04
CA GLU A 35 -20.25 -10.53 1.52
C GLU A 35 -20.77 -9.25 2.21
N ALA A 36 -22.11 -9.16 2.43
CA ALA A 36 -22.75 -8.02 3.12
C ALA A 36 -22.14 -7.83 4.53
N GLU A 37 -21.86 -8.93 5.29
CA GLU A 37 -21.23 -8.83 6.61
C GLU A 37 -19.81 -8.34 6.50
N LEU A 38 -19.06 -8.83 5.50
CA LEU A 38 -17.68 -8.40 5.29
C LEU A 38 -17.61 -6.90 4.96
N LEU A 39 -18.62 -6.37 4.27
CA LEU A 39 -18.69 -4.92 3.95
C LEU A 39 -18.76 -4.03 5.19
N THR A 40 -19.25 -4.57 6.31
CA THR A 40 -19.33 -3.85 7.59
C THR A 40 -18.01 -3.96 8.40
N LYS A 41 -17.15 -4.94 8.08
CA LYS A 41 -15.91 -5.13 8.81
C LYS A 41 -14.84 -4.14 8.34
N THR A 42 -13.90 -3.83 9.21
CA THR A 42 -12.82 -2.94 8.85
C THR A 42 -11.48 -3.61 9.06
N LEU A 43 -10.47 -3.15 8.31
CA LEU A 43 -9.14 -3.70 8.45
C LEU A 43 -8.30 -2.67 9.20
N PRO A 44 -7.84 -2.99 10.42
CA PRO A 44 -7.04 -2.01 11.17
C PRO A 44 -5.71 -1.65 10.54
N ASP A 45 -5.31 -0.38 10.72
CA ASP A 45 -3.99 0.05 10.25
C ASP A 45 -2.93 -0.58 11.14
N ILE A 46 -1.69 -0.66 10.66
CA ILE A 46 -0.54 -1.16 11.42
C ILE A 46 0.50 -0.06 11.26
N LEU A 47 0.41 0.92 12.13
CA LEU A 47 1.25 2.11 12.10
C LEU A 47 1.95 2.38 13.41
N THR A 48 3.21 2.74 13.33
CA THR A 48 4.01 3.15 14.48
C THR A 48 4.89 4.29 13.96
N PHE A 49 5.61 4.94 14.90
CA PHE A 49 6.56 5.99 14.59
C PHE A 49 7.85 5.33 14.14
N ASN A 50 8.69 6.10 13.46
CA ASN A 50 10.01 5.73 12.99
C ASN A 50 10.01 4.58 11.99
N LEU A 51 8.95 4.45 11.20
CA LEU A 51 8.93 3.40 10.16
C LEU A 51 9.76 3.85 8.94
N ASP A 52 10.31 2.89 8.20
CA ASP A 52 11.03 3.18 6.96
C ASP A 52 10.00 3.27 5.84
N ILE A 53 9.02 2.36 5.84
CA ILE A 53 8.03 2.22 4.80
C ILE A 53 6.62 2.05 5.32
N VAL A 54 5.66 2.76 4.70
CA VAL A 54 4.25 2.53 4.94
C VAL A 54 3.68 2.16 3.60
N ILE A 55 3.13 0.93 3.52
CA ILE A 55 2.43 0.46 2.34
C ILE A 55 0.99 0.99 2.45
N ILE A 56 0.55 1.72 1.43
CA ILE A 56 -0.76 2.32 1.37
C ILE A 56 -1.53 1.60 0.30
N GLY A 57 -2.52 0.81 0.72
CA GLY A 57 -3.42 0.18 -0.24
C GLY A 57 -4.48 1.15 -0.71
N ILE A 58 -5.32 0.70 -1.61
CA ILE A 58 -6.46 1.47 -2.09
C ILE A 58 -7.58 1.42 -1.04
N ALA A 59 -8.13 0.22 -0.78
CA ALA A 59 -9.16 -0.03 0.20
C ALA A 59 -9.06 -1.49 0.46
N PRO A 60 -9.36 -1.92 1.67
CA PRO A 60 -9.31 -3.37 1.96
C PRO A 60 -10.35 -4.09 1.12
N GLY A 61 -9.97 -5.22 0.57
CA GLY A 61 -10.91 -6.05 -0.19
C GLY A 61 -11.62 -6.97 0.76
N LEU A 62 -12.55 -7.80 0.23
CA LEU A 62 -13.35 -8.72 1.05
C LEU A 62 -12.50 -9.73 1.85
N MET A 63 -11.43 -10.26 1.24
CA MET A 63 -10.59 -11.24 1.90
C MET A 63 -9.86 -10.59 3.07
N ALA A 64 -9.33 -9.36 2.89
CA ALA A 64 -8.66 -8.67 4.00
C ALA A 64 -9.65 -8.38 5.14
N ALA A 65 -10.90 -8.00 4.81
CA ALA A 65 -11.91 -7.73 5.84
C ALA A 65 -12.20 -9.04 6.60
N TYR A 66 -12.32 -10.12 5.85
CA TYR A 66 -12.57 -11.43 6.44
C TYR A 66 -11.46 -11.87 7.46
N LYS A 67 -10.20 -11.81 7.00
CA LYS A 67 -9.00 -12.28 7.68
C LYS A 67 -8.54 -11.35 8.78
N GLY A 68 -8.80 -10.07 8.61
CA GLY A 68 -8.34 -9.05 9.54
C GLY A 68 -6.84 -8.82 9.41
N HIS A 69 -6.28 -9.17 8.24
CA HIS A 69 -4.84 -9.02 8.00
C HIS A 69 -4.62 -8.44 6.61
N HIS A 70 -3.46 -7.83 6.39
CA HIS A 70 -3.17 -7.20 5.08
CA HIS A 70 -3.14 -7.19 5.10
C HIS A 70 -2.69 -8.15 4.00
N TYR A 71 -3.27 -7.98 2.78
CA TYR A 71 -2.97 -8.73 1.56
C TYR A 71 -3.06 -10.27 1.70
N PRO A 72 -4.20 -10.80 2.18
CA PRO A 72 -4.29 -12.27 2.33
C PRO A 72 -4.68 -12.97 1.03
N GLY A 73 -5.07 -12.19 0.02
CA GLY A 73 -5.53 -12.74 -1.25
C GLY A 73 -4.57 -13.78 -1.81
N PRO A 74 -5.01 -15.02 -2.02
CA PRO A 74 -4.08 -16.08 -2.49
C PRO A 74 -3.30 -15.74 -3.77
N GLY A 75 -3.88 -14.87 -4.60
CA GLY A 75 -3.26 -14.42 -5.83
C GLY A 75 -2.63 -13.04 -5.73
N ASN A 76 -2.85 -12.31 -4.61
CA ASN A 76 -2.27 -10.97 -4.45
C ASN A 76 -0.77 -11.11 -4.47
N HIS A 77 -0.06 -10.23 -5.21
CA HIS A 77 1.41 -10.33 -5.37
C HIS A 77 2.24 -9.75 -4.24
N PHE A 78 1.60 -9.08 -3.27
CA PHE A 78 2.35 -8.35 -2.23
C PHE A 78 3.41 -9.16 -1.50
N TRP A 79 3.02 -10.24 -0.79
CA TRP A 79 3.97 -11.03 -0.01
C TRP A 79 5.05 -11.72 -0.87
N LYS A 80 4.66 -12.17 -2.08
CA LYS A 80 5.61 -12.78 -3.01
C LYS A 80 6.63 -11.72 -3.49
N CYS A 81 6.17 -10.49 -3.86
CA CYS A 81 7.10 -9.42 -4.27
C CYS A 81 8.00 -8.96 -3.13
N LEU A 82 7.48 -8.93 -1.90
CA LEU A 82 8.28 -8.59 -0.72
C LEU A 82 9.46 -9.56 -0.56
N PHE A 83 9.21 -10.88 -0.76
CA PHE A 83 10.25 -11.89 -0.68
C PHE A 83 11.18 -11.85 -1.90
N MET A 84 10.61 -11.86 -3.13
CA MET A 84 11.41 -11.91 -4.37
C MET A 84 12.39 -10.73 -4.49
N SER A 85 11.99 -9.56 -3.94
CA SER A 85 12.81 -8.35 -3.98
C SER A 85 13.90 -8.30 -2.90
N GLY A 86 13.80 -9.17 -1.90
CA GLY A 86 14.73 -9.19 -0.79
C GLY A 86 14.27 -8.32 0.37
N LEU A 87 13.05 -7.75 0.31
CA LEU A 87 12.56 -6.93 1.45
C LEU A 87 12.27 -7.81 2.68
N SER A 88 12.00 -9.10 2.44
CA SER A 88 11.89 -10.12 3.48
C SER A 88 12.85 -11.26 3.07
N GLU A 89 13.51 -11.90 4.05
CA GLU A 89 14.53 -12.95 3.80
C GLU A 89 13.92 -14.33 3.56
N VAL A 90 12.65 -14.47 3.93
CA VAL A 90 11.85 -15.68 3.79
C VAL A 90 10.49 -15.21 3.27
N GLN A 91 9.76 -16.13 2.65
CA GLN A 91 8.43 -15.85 2.13
C GLN A 91 7.48 -15.74 3.33
N LEU A 92 6.94 -14.54 3.53
CA LEU A 92 6.01 -14.28 4.61
C LEU A 92 4.61 -14.32 4.05
N ASN A 93 3.62 -14.18 4.93
CA ASN A 93 2.23 -14.17 4.53
CA ASN A 93 2.23 -14.18 4.52
C ASN A 93 1.45 -13.16 5.36
N HIS A 94 0.18 -12.98 5.06
CA HIS A 94 -0.70 -12.01 5.75
C HIS A 94 -0.68 -12.14 7.29
N MET A 95 -0.48 -13.35 7.82
CA MET A 95 -0.43 -13.52 9.28
C MET A 95 0.75 -12.85 9.96
N ASP A 96 1.77 -12.49 9.18
CA ASP A 96 3.00 -11.84 9.66
C ASP A 96 2.91 -10.31 9.68
N ASP A 97 1.81 -9.75 9.20
CA ASP A 97 1.73 -8.29 9.05
C ASP A 97 2.02 -7.46 10.33
N HIS A 98 1.65 -7.94 11.53
CA HIS A 98 1.92 -7.18 12.78
C HIS A 98 3.39 -7.24 13.18
N THR A 99 4.14 -8.20 12.62
CA THR A 99 5.56 -8.31 12.92
C THR A 99 6.37 -7.35 12.05
N LEU A 100 5.78 -6.82 10.94
CA LEU A 100 6.53 -6.01 9.97
C LEU A 100 7.08 -4.69 10.53
N PRO A 101 6.40 -3.92 11.40
CA PRO A 101 7.04 -2.70 11.93
C PRO A 101 8.33 -2.98 12.71
N GLY A 102 8.27 -3.87 13.70
CA GLY A 102 9.40 -4.17 14.56
C GLY A 102 10.54 -4.89 13.87
N LYS A 103 10.21 -5.86 13.02
CA LYS A 103 11.22 -6.67 12.34
C LYS A 103 11.75 -6.07 11.05
N TYR A 104 10.90 -5.41 10.24
CA TYR A 104 11.30 -4.88 8.94
C TYR A 104 11.16 -3.38 8.74
N GLY A 105 10.57 -2.67 9.70
CA GLY A 105 10.35 -1.23 9.58
C GLY A 105 9.28 -0.88 8.57
N ILE A 106 8.33 -1.81 8.37
CA ILE A 106 7.22 -1.65 7.43
C ILE A 106 5.84 -1.61 8.13
N GLY A 107 5.04 -0.62 7.76
CA GLY A 107 3.69 -0.47 8.25
C GLY A 107 2.68 -0.50 7.12
N PHE A 108 1.37 -0.43 7.48
CA PHE A 108 0.26 -0.51 6.53
C PHE A 108 -0.87 0.41 6.84
N THR A 109 -1.45 1.01 5.80
CA THR A 109 -2.68 1.77 5.88
C THR A 109 -3.36 1.66 4.51
N ASN A 110 -4.50 2.35 4.32
CA ASN A 110 -5.21 2.36 3.04
C ASN A 110 -5.69 3.76 2.78
N MET A 111 -5.88 4.11 1.50
CA MET A 111 -6.39 5.46 1.15
C MET A 111 -7.83 5.57 1.62
N VAL A 112 -8.63 4.52 1.41
CA VAL A 112 -10.04 4.45 1.79
C VAL A 112 -10.14 3.33 2.86
N GLU A 113 -10.69 3.66 4.05
CA GLU A 113 -10.80 2.73 5.18
C GLU A 113 -11.84 1.63 4.97
N ARG A 114 -12.92 1.98 4.28
CA ARG A 114 -14.11 1.17 3.99
C ARG A 114 -13.76 -0.11 3.19
N THR A 115 -14.33 -1.28 3.56
CA THR A 115 -14.09 -2.51 2.79
C THR A 115 -14.80 -2.39 1.46
N THR A 116 -14.10 -2.75 0.40
CA THR A 116 -14.62 -2.58 -0.94
C THR A 116 -14.25 -3.76 -1.81
N PRO A 117 -15.13 -4.27 -2.71
CA PRO A 117 -14.74 -5.40 -3.56
C PRO A 117 -13.53 -5.12 -4.48
N GLY A 118 -13.49 -3.94 -5.08
CA GLY A 118 -12.41 -3.55 -5.96
C GLY A 118 -12.36 -2.04 -6.15
N SER A 119 -11.27 -1.56 -6.77
CA SER A 119 -11.04 -0.12 -6.95
C SER A 119 -12.14 0.62 -7.73
N LYS A 120 -12.88 -0.10 -8.60
CA LYS A 120 -13.91 0.53 -9.43
C LYS A 120 -15.20 0.86 -8.67
N ASP A 121 -15.37 0.33 -7.45
CA ASP A 121 -16.56 0.58 -6.64
C ASP A 121 -16.45 1.89 -5.82
N LEU A 122 -15.27 2.52 -5.78
CA LEU A 122 -15.04 3.69 -4.96
C LEU A 122 -15.43 4.98 -5.65
N SER A 123 -16.10 5.89 -4.94
CA SER A 123 -16.46 7.18 -5.54
C SER A 123 -15.35 8.23 -5.37
N SER A 124 -15.45 9.33 -6.09
CA SER A 124 -14.51 10.44 -6.04
C SER A 124 -14.45 11.02 -4.64
N LYS A 125 -15.64 11.24 -4.04
CA LYS A 125 -15.81 11.80 -2.70
C LYS A 125 -15.12 10.91 -1.64
N GLU A 126 -15.31 9.58 -1.75
CA GLU A 126 -14.68 8.62 -0.82
C GLU A 126 -13.20 8.72 -0.92
N PHE A 127 -12.68 8.80 -2.16
CA PHE A 127 -11.25 8.91 -2.39
C PHE A 127 -10.67 10.20 -1.78
N ARG A 128 -11.36 11.31 -1.97
CA ARG A 128 -10.89 12.61 -1.49
C ARG A 128 -11.02 12.72 0.04
N GLU A 129 -12.06 12.11 0.60
CA GLU A 129 -12.15 12.03 2.04
C GLU A 129 -10.95 11.18 2.55
N GLY A 130 -10.68 10.06 1.87
CA GLY A 130 -9.57 9.20 2.22
C GLY A 130 -8.23 9.89 2.19
N GLY A 131 -8.02 10.70 1.15
CA GLY A 131 -6.79 11.45 0.99
C GLY A 131 -6.51 12.39 2.14
N ARG A 132 -7.55 13.08 2.61
CA ARG A 132 -7.41 14.01 3.72
C ARG A 132 -7.01 13.27 5.01
N ILE A 133 -7.67 12.15 5.30
CA ILE A 133 -7.38 11.31 6.47
C ILE A 133 -5.95 10.74 6.34
N LEU A 134 -5.59 10.29 5.13
CA LEU A 134 -4.27 9.71 4.87
C LEU A 134 -3.16 10.72 5.10
N VAL A 135 -3.28 11.91 4.54
CA VAL A 135 -2.21 12.86 4.71
C VAL A 135 -2.04 13.20 6.21
N GLN A 136 -3.12 13.22 7.01
CA GLN A 136 -2.98 13.47 8.46
C GLN A 136 -2.21 12.33 9.16
N LYS A 137 -2.46 11.07 8.74
CA LYS A 137 -1.78 9.88 9.28
C LYS A 137 -0.29 9.96 8.99
N LEU A 138 0.06 10.33 7.74
CA LEU A 138 1.45 10.47 7.32
C LEU A 138 2.17 11.60 8.02
N GLN A 139 1.46 12.70 8.31
CA GLN A 139 2.05 13.82 9.04
C GLN A 139 2.24 13.48 10.51
N LYS A 140 1.45 12.51 11.03
CA LYS A 140 1.58 12.06 12.41
C LYS A 140 2.74 11.07 12.54
N TYR A 141 2.73 9.98 11.73
CA TYR A 141 3.73 8.93 11.85
C TYR A 141 5.06 9.17 11.11
N GLN A 142 5.05 10.01 10.07
CA GLN A 142 6.23 10.46 9.31
C GLN A 142 7.20 9.31 8.95
N PRO A 143 6.71 8.32 8.18
CA PRO A 143 7.60 7.23 7.75
C PRO A 143 8.62 7.80 6.78
N ARG A 144 9.74 7.11 6.55
CA ARG A 144 10.72 7.61 5.60
C ARG A 144 10.11 7.66 4.19
N ILE A 145 9.30 6.65 3.84
CA ILE A 145 8.71 6.52 2.50
C ILE A 145 7.23 6.11 2.60
N ALA A 146 6.35 6.84 1.88
CA ALA A 146 4.92 6.55 1.73
C ALA A 146 4.80 5.83 0.36
N VAL A 147 4.50 4.53 0.42
CA VAL A 147 4.42 3.70 -0.80
C VAL A 147 2.98 3.54 -1.19
N PHE A 148 2.61 4.06 -2.35
CA PHE A 148 1.25 3.95 -2.84
C PHE A 148 1.19 2.64 -3.61
N ASN A 149 0.44 1.68 -3.05
CA ASN A 149 0.20 0.38 -3.65
C ASN A 149 -0.98 0.49 -4.62
N GLY A 150 -0.74 1.14 -5.74
CA GLY A 150 -1.75 1.44 -6.73
C GLY A 150 -1.56 2.86 -7.30
N LYS A 151 -1.50 2.93 -8.62
CA LYS A 151 -1.32 4.16 -9.35
C LYS A 151 -2.53 5.11 -9.21
N CYS A 152 -3.75 4.55 -9.26
CA CYS A 152 -5.00 5.33 -9.15
C CYS A 152 -5.08 6.19 -7.89
N ILE A 153 -4.60 5.70 -6.75
CA ILE A 153 -4.68 6.49 -5.51
C ILE A 153 -3.67 7.61 -5.50
N TYR A 154 -2.46 7.39 -6.10
CA TYR A 154 -1.53 8.51 -6.14
C TYR A 154 -2.03 9.64 -7.06
N GLU A 155 -2.70 9.29 -8.18
CA GLU A 155 -3.27 10.28 -9.11
C GLU A 155 -4.26 11.21 -8.35
N ILE A 156 -5.14 10.61 -7.50
CA ILE A 156 -6.10 11.40 -6.70
C ILE A 156 -5.36 12.20 -5.65
N PHE A 157 -4.44 11.56 -4.92
CA PHE A 157 -3.68 12.16 -3.83
C PHE A 157 -2.87 13.37 -4.29
N SER A 158 -2.14 13.21 -5.39
CA SER A 158 -1.33 14.29 -5.95
CA SER A 158 -1.32 14.32 -5.92
C SER A 158 -2.17 15.55 -6.24
N LYS A 159 -3.36 15.36 -6.88
CA LYS A 159 -4.25 16.45 -7.24
C LYS A 159 -4.83 17.14 -5.98
N GLU A 160 -5.14 16.33 -4.96
CA GLU A 160 -5.73 16.81 -3.72
C GLU A 160 -4.76 17.49 -2.77
N VAL A 161 -3.56 16.92 -2.62
CA VAL A 161 -2.57 17.32 -1.65
C VAL A 161 -1.56 18.32 -2.18
N PHE A 162 -1.05 18.08 -3.40
CA PHE A 162 -0.02 18.95 -4.00
C PHE A 162 -0.61 19.90 -5.03
N GLY A 163 -1.90 19.70 -5.37
CA GLY A 163 -2.60 20.50 -6.36
C GLY A 163 -2.01 20.34 -7.75
N VAL A 164 -1.54 19.11 -8.05
CA VAL A 164 -0.84 18.78 -9.28
C VAL A 164 -1.49 17.64 -10.04
N LYS A 165 -1.72 17.87 -11.35
CA LYS A 165 -2.22 16.85 -12.28
C LYS A 165 -1.25 16.83 -13.45
N VAL A 166 -0.46 15.75 -13.58
CA VAL A 166 0.52 15.63 -14.67
C VAL A 166 -0.13 14.76 -15.77
N LYS A 167 0.22 15.03 -17.05
CA LYS A 167 -0.31 14.28 -18.19
C LYS A 167 0.06 12.79 -18.11
N ASN A 168 1.33 12.48 -17.82
CA ASN A 168 1.79 11.10 -17.76
C ASN A 168 2.38 10.79 -16.38
N LEU A 169 1.51 10.42 -15.44
CA LEU A 169 1.99 10.07 -14.11
C LEU A 169 2.84 8.80 -14.27
N GLU A 170 4.03 8.76 -13.64
CA GLU A 170 4.91 7.58 -13.68
C GLU A 170 4.98 6.86 -12.35
N PHE A 171 5.46 5.61 -12.35
CA PHE A 171 5.64 4.87 -11.12
C PHE A 171 6.96 5.34 -10.48
N GLY A 172 7.27 4.76 -9.34
CA GLY A 172 8.53 5.08 -8.68
C GLY A 172 8.45 6.34 -7.84
N LEU A 173 9.62 6.89 -7.56
CA LEU A 173 9.77 8.08 -6.72
C LEU A 173 9.17 9.32 -7.34
N GLN A 174 8.27 9.98 -6.58
CA GLN A 174 7.56 11.19 -6.99
C GLN A 174 8.32 12.42 -6.51
N PRO A 175 8.15 13.57 -7.19
CA PRO A 175 8.95 14.74 -6.83
C PRO A 175 8.45 15.61 -5.66
N HIS A 176 7.46 15.17 -4.85
CA HIS A 176 6.99 15.97 -3.71
C HIS A 176 7.00 15.20 -2.41
N LYS A 177 7.45 15.85 -1.34
CA LYS A 177 7.43 15.26 0.00
C LYS A 177 6.06 15.54 0.60
N ILE A 178 5.59 14.70 1.53
CA ILE A 178 4.31 14.96 2.22
C ILE A 178 4.46 16.32 2.89
N PRO A 179 3.49 17.26 2.74
CA PRO A 179 3.70 18.62 3.30
C PRO A 179 4.04 18.60 4.79
N ASP A 180 4.99 19.47 5.20
CA ASP A 180 5.49 19.61 6.58
C ASP A 180 6.27 18.38 7.11
N THR A 181 6.73 17.50 6.21
CA THR A 181 7.48 16.30 6.60
C THR A 181 8.57 16.07 5.56
N GLU A 182 9.45 15.08 5.82
CA GLU A 182 10.50 14.64 4.89
C GLU A 182 10.07 13.32 4.19
N THR A 183 8.82 12.88 4.42
CA THR A 183 8.28 11.63 3.85
C THR A 183 8.23 11.69 2.33
N LEU A 184 8.91 10.73 1.68
CA LEU A 184 8.90 10.65 0.22
C LEU A 184 7.66 9.88 -0.24
N CYS A 185 7.26 10.07 -1.50
CA CYS A 185 6.13 9.38 -2.12
C CYS A 185 6.66 8.46 -3.22
N TYR A 186 6.34 7.20 -3.13
CA TYR A 186 6.82 6.19 -4.08
C TYR A 186 5.61 5.39 -4.55
N VAL A 187 5.45 5.24 -5.88
CA VAL A 187 4.24 4.64 -6.45
C VAL A 187 4.55 3.34 -7.14
N MET A 188 3.74 2.33 -6.88
CA MET A 188 3.95 1.04 -7.55
C MET A 188 2.63 0.63 -8.15
N PRO A 189 2.63 -0.28 -9.15
CA PRO A 189 1.35 -0.82 -9.63
C PRO A 189 0.74 -1.64 -8.48
N SER A 190 -0.58 -1.63 -8.39
CA SER A 190 -1.26 -2.37 -7.31
C SER A 190 -0.78 -3.81 -7.27
N SER A 191 -0.56 -4.34 -6.06
CA SER A 191 -0.17 -5.75 -5.91
C SER A 191 -1.30 -6.73 -6.29
N SER A 192 -2.54 -6.21 -6.48
CA SER A 192 -3.70 -7.01 -6.89
C SER A 192 -3.37 -7.68 -8.24
N ALA A 193 -3.75 -8.97 -8.41
CA ALA A 193 -3.50 -9.64 -9.66
C ALA A 193 -4.59 -9.30 -10.71
N ARG A 194 -5.50 -8.34 -10.39
CA ARG A 194 -6.54 -7.92 -11.33
CA ARG A 194 -6.54 -7.88 -11.32
C ARG A 194 -5.93 -7.24 -12.56
N CYS A 195 -4.82 -6.52 -12.37
N CYS A 195 -4.68 -6.79 -12.45
CA CYS A 195 -4.09 -5.75 -13.37
CA CYS A 195 -4.09 -5.78 -13.32
C CYS A 195 -3.39 -6.62 -14.46
C CYS A 195 -3.31 -6.50 -14.48
N ALA A 196 -3.92 -6.65 -15.70
CA ALA A 196 -3.30 -7.38 -16.82
C ALA A 196 -2.01 -6.77 -17.36
N GLN A 197 -1.74 -5.46 -17.09
CA GLN A 197 -0.53 -4.80 -17.59
C GLN A 197 0.76 -5.29 -16.93
N PHE A 198 0.64 -5.81 -15.72
CA PHE A 198 1.75 -6.37 -14.94
C PHE A 198 1.20 -7.71 -14.52
N PRO A 199 1.14 -8.69 -15.44
CA PRO A 199 0.37 -9.91 -15.14
C PRO A 199 0.91 -10.84 -14.05
N ARG A 200 2.19 -10.74 -13.69
CA ARG A 200 2.77 -11.66 -12.71
C ARG A 200 3.47 -10.86 -11.62
N ALA A 201 3.76 -11.49 -10.46
CA ALA A 201 4.56 -10.89 -9.37
C ALA A 201 5.93 -10.48 -9.96
N GLN A 202 6.50 -11.31 -10.87
CA GLN A 202 7.76 -11.02 -11.57
C GLN A 202 7.72 -9.65 -12.27
N ASP A 203 6.55 -9.26 -12.80
CA ASP A 203 6.41 -8.01 -13.54
C ASP A 203 6.34 -6.80 -12.64
N LYS A 204 6.20 -7.01 -11.31
CA LYS A 204 6.13 -5.87 -10.38
C LYS A 204 7.34 -5.81 -9.48
N VAL A 205 8.12 -6.89 -9.39
CA VAL A 205 9.21 -6.95 -8.44
CA VAL A 205 9.27 -7.01 -8.49
C VAL A 205 10.28 -5.85 -8.68
N HIS A 206 10.45 -5.36 -9.93
CA HIS A 206 11.38 -4.26 -10.23
C HIS A 206 11.10 -3.07 -9.28
N TYR A 207 9.82 -2.73 -9.08
CA TYR A 207 9.47 -1.59 -8.21
C TYR A 207 9.80 -1.82 -6.72
N TYR A 208 9.71 -3.09 -6.25
CA TYR A 208 10.03 -3.44 -4.85
C TYR A 208 11.56 -3.40 -4.68
N ILE A 209 12.32 -3.86 -5.70
CA ILE A 209 13.77 -3.81 -5.62
C ILE A 209 14.21 -2.36 -5.54
N LYS A 210 13.65 -1.48 -6.39
CA LYS A 210 13.98 -0.06 -6.41
C LYS A 210 13.58 0.60 -5.08
N LEU A 211 12.48 0.14 -4.46
CA LEU A 211 12.05 0.62 -3.16
C LEU A 211 13.07 0.22 -2.08
N LYS A 212 13.52 -1.05 -2.09
CA LYS A 212 14.57 -1.57 -1.20
C LYS A 212 15.83 -0.71 -1.34
N ASP A 213 16.26 -0.41 -2.59
CA ASP A 213 17.46 0.38 -2.86
C ASP A 213 17.30 1.79 -2.30
N LEU A 214 16.12 2.40 -2.47
CA LEU A 214 15.82 3.75 -1.98
C LEU A 214 15.85 3.73 -0.44
N ARG A 215 15.25 2.71 0.19
CA ARG A 215 15.26 2.53 1.66
C ARG A 215 16.72 2.45 2.16
N ASP A 216 17.55 1.52 1.59
CA ASP A 216 18.96 1.31 1.95
C ASP A 216 19.80 2.57 1.82
N GLN A 217 19.57 3.36 0.76
CA GLN A 217 20.26 4.62 0.51
C GLN A 217 19.90 5.62 1.63
N LEU A 218 18.59 5.82 1.90
CA LEU A 218 18.13 6.75 2.94
C LEU A 218 18.68 6.41 4.33
N LYS A 219 18.72 5.10 4.67
CA LYS A 219 19.22 4.60 5.95
C LYS A 219 20.75 4.75 6.07
N GLY A 220 21.47 4.50 4.98
CA GLY A 220 22.92 4.63 4.91
C GLY A 220 23.39 6.07 5.07
N ILE A 221 22.64 7.02 4.47
CA ILE A 221 22.89 8.46 4.53
C ILE A 221 22.72 8.96 5.98
N GLU A 222 21.69 8.45 6.69
CA GLU A 222 21.43 8.80 8.09
C GLU A 222 22.48 8.18 9.03
N ARG A 223 22.96 6.96 8.72
CA ARG A 223 23.99 6.26 9.50
C ARG A 223 25.36 6.97 9.36
N ASN A 224 25.57 7.71 8.24
CA ASN A 224 26.80 8.46 7.95
C ASN A 224 26.49 9.95 7.73
#